data_7FB7
#
_entry.id   7FB7
#
_cell.length_a   147.120
_cell.length_b   147.120
_cell.length_c   110.440
_cell.angle_alpha   90.000
_cell.angle_beta   90.000
_cell.angle_gamma   120.000
#
_symmetry.space_group_name_H-M   'H 3 2'
#
loop_
_entity.id
_entity.type
_entity.pdbx_description
1 polymer 'E3 ubiquitin-protein ligase UHRF1'
2 non-polymer (4S)-2-METHYL-2,4-PENTANEDIOL
3 non-polymer 5-amino-2,4-dimethylpyridine
4 non-polymer 'DIMETHYL SULFOXIDE'
5 non-polymer 'SULFATE ION'
6 water water
#
_entity_poly.entity_id   1
_entity_poly.type   'polypeptide(L)'
_entity_poly.pdbx_seq_one_letter_code
;SDEDMWDETELGLYKVNEYVDARDTNMGAWFEAQVVRVTRKAPSRPALEEDVIYHVKYDDYPENGVVQMNSRDVRARART
IIKWQDLEVGQVVMLNYNPDNPKERGFWYDAEISRKRETRTARELYANVVLGDDSLNDCRIIFVDEVFKIERPGE
;
_entity_poly.pdbx_strand_id   A,B
#
# COMPACT_ATOMS: atom_id res chain seq x y z
N SER A 1 -11.91 -3.24 -17.97
CA SER A 1 -10.98 -3.82 -16.97
CA SER A 1 -10.99 -3.81 -16.96
C SER A 1 -11.77 -4.71 -16.03
N ASP A 2 -11.04 -5.62 -15.37
CA ASP A 2 -11.67 -6.64 -14.52
C ASP A 2 -10.77 -7.02 -13.34
N GLU A 3 -10.11 -6.03 -12.73
CA GLU A 3 -9.34 -6.27 -11.52
C GLU A 3 -10.22 -6.82 -10.40
N ASP A 4 -11.55 -6.49 -10.42
CA ASP A 4 -12.47 -6.95 -9.39
C ASP A 4 -12.88 -8.41 -9.58
N MET A 5 -12.75 -8.95 -10.79
CA MET A 5 -13.16 -10.34 -11.01
C MET A 5 -12.01 -11.29 -10.67
N TRP A 6 -12.36 -12.42 -10.05
CA TRP A 6 -11.33 -13.42 -9.76
C TRP A 6 -11.90 -14.81 -9.85
N ASP A 7 -10.99 -15.77 -10.02
CA ASP A 7 -11.36 -17.18 -10.01
C ASP A 7 -10.34 -17.92 -9.16
N GLU A 8 -10.72 -19.11 -8.69
CA GLU A 8 -9.72 -19.97 -8.09
C GLU A 8 -8.72 -20.41 -9.15
N THR A 9 -7.51 -20.69 -8.70
CA THR A 9 -6.52 -21.31 -9.61
C THR A 9 -5.72 -22.36 -8.86
N GLU A 10 -5.36 -23.43 -9.60
CA GLU A 10 -4.42 -24.42 -9.09
C GLU A 10 -3.03 -24.22 -9.66
N LEU A 11 -2.82 -23.13 -10.40
CA LEU A 11 -1.57 -22.95 -11.15
C LEU A 11 -0.82 -21.74 -10.64
N GLY A 12 -1.02 -21.37 -9.40
CA GLY A 12 -0.11 -20.39 -8.78
C GLY A 12 1.25 -21.02 -8.47
N LEU A 13 2.26 -20.17 -8.25
CA LEU A 13 3.56 -20.66 -7.83
C LEU A 13 3.44 -21.50 -6.55
N TYR A 14 2.63 -21.06 -5.59
CA TYR A 14 2.38 -21.80 -4.36
C TYR A 14 0.98 -22.39 -4.39
N LYS A 15 0.79 -23.49 -3.65
CA LYS A 15 -0.43 -24.29 -3.77
C LYS A 15 -1.21 -24.36 -2.46
N VAL A 16 -2.53 -24.60 -2.59
CA VAL A 16 -3.34 -24.85 -1.42
C VAL A 16 -2.67 -25.97 -0.62
N ASN A 17 -2.67 -25.81 0.71
CA ASN A 17 -2.08 -26.71 1.70
C ASN A 17 -0.59 -26.49 1.87
N GLU A 18 0.08 -25.70 1.01
CA GLU A 18 1.54 -25.53 1.14
C GLU A 18 1.85 -24.73 2.42
N TYR A 19 2.86 -25.17 3.15
CA TYR A 19 3.39 -24.40 4.26
C TYR A 19 4.40 -23.40 3.72
N VAL A 20 4.18 -22.14 4.06
CA VAL A 20 4.93 -21.02 3.48
C VAL A 20 5.38 -20.09 4.59
N ASP A 21 6.22 -19.14 4.21
CA ASP A 21 6.32 -17.92 5.00
C ASP A 21 5.53 -16.82 4.32
N ALA A 22 4.87 -15.97 5.11
CA ALA A 22 4.08 -14.87 4.60
C ALA A 22 4.51 -13.59 5.30
N ARG A 23 4.62 -12.51 4.52
CA ARG A 23 5.20 -11.26 5.03
C ARG A 23 4.07 -10.30 5.38
N ASP A 24 4.11 -9.81 6.61
CA ASP A 24 3.17 -8.79 7.00
C ASP A 24 3.60 -7.46 6.40
N THR A 25 2.72 -6.87 5.63
CA THR A 25 3.11 -5.62 5.01
C THR A 25 3.10 -4.46 6.02
N ASN A 26 2.39 -4.57 7.16
CA ASN A 26 2.39 -3.45 8.12
C ASN A 26 3.70 -3.31 8.87
N MET A 27 4.39 -4.42 9.17
N MET A 27 4.43 -4.39 9.08
CA MET A 27 5.62 -4.33 9.94
CA MET A 27 5.64 -4.29 9.88
C MET A 27 6.83 -5.01 9.29
C MET A 27 6.85 -4.93 9.22
N GLY A 28 6.68 -5.65 8.12
CA GLY A 28 7.78 -6.08 7.29
C GLY A 28 8.38 -7.44 7.65
N ALA A 29 7.88 -8.12 8.68
CA ALA A 29 8.44 -9.41 9.08
C ALA A 29 7.71 -10.57 8.41
N TRP A 30 8.43 -11.70 8.32
CA TRP A 30 7.91 -12.95 7.77
C TRP A 30 7.42 -13.87 8.88
N PHE A 31 6.31 -14.56 8.63
CA PHE A 31 5.73 -15.44 9.62
C PHE A 31 5.34 -16.78 9.00
N GLU A 32 5.49 -17.84 9.79
CA GLU A 32 5.01 -19.15 9.35
CA GLU A 32 5.03 -19.14 9.30
C GLU A 32 3.52 -19.13 9.03
N ALA A 33 3.14 -19.68 7.88
CA ALA A 33 1.72 -19.68 7.50
C ALA A 33 1.45 -20.89 6.63
N GLN A 34 0.18 -21.09 6.33
CA GLN A 34 -0.23 -22.14 5.40
C GLN A 34 -1.19 -21.56 4.39
N VAL A 35 -1.01 -21.88 3.12
CA VAL A 35 -1.96 -21.43 2.08
C VAL A 35 -3.22 -22.27 2.16
N VAL A 36 -4.37 -21.59 2.23
CA VAL A 36 -5.67 -22.24 2.29
C VAL A 36 -6.52 -22.04 1.05
N ARG A 37 -6.18 -21.08 0.19
CA ARG A 37 -6.96 -20.83 -1.02
C ARG A 37 -6.07 -19.98 -1.90
N VAL A 38 -6.22 -20.16 -3.22
CA VAL A 38 -5.45 -19.37 -4.19
C VAL A 38 -6.44 -18.86 -5.22
N THR A 39 -6.56 -17.53 -5.36
CA THR A 39 -7.41 -16.94 -6.38
C THR A 39 -6.54 -16.11 -7.31
N ARG A 40 -7.09 -15.74 -8.46
CA ARG A 40 -6.35 -14.98 -9.44
C ARG A 40 -7.27 -13.94 -10.03
N LYS A 41 -6.88 -12.67 -9.94
CA LYS A 41 -7.72 -11.59 -10.45
C LYS A 41 -7.52 -11.42 -11.95
N ALA A 42 -8.43 -10.65 -12.58
CA ALA A 42 -8.34 -10.28 -14.00
C ALA A 42 -8.39 -11.47 -14.94
N PRO A 43 -9.51 -12.21 -14.95
CA PRO A 43 -9.61 -13.38 -15.84
CA PRO A 43 -9.59 -13.38 -15.84
C PRO A 43 -9.47 -13.04 -17.32
N SER A 44 -9.64 -11.77 -17.72
CA SER A 44 -9.48 -11.39 -19.12
C SER A 44 -8.04 -11.53 -19.61
N ARG A 45 -7.06 -11.49 -18.69
CA ARG A 45 -5.65 -11.56 -19.04
C ARG A 45 -5.22 -13.02 -19.06
N PRO A 46 -4.14 -13.33 -19.76
CA PRO A 46 -3.49 -14.64 -19.55
CA PRO A 46 -3.47 -14.62 -19.55
C PRO A 46 -3.09 -14.72 -18.08
N ALA A 47 -2.83 -15.94 -17.61
CA ALA A 47 -2.55 -16.11 -16.19
C ALA A 47 -1.16 -15.56 -15.84
N LEU A 48 -1.15 -14.66 -14.86
CA LEU A 48 0.08 -14.04 -14.36
C LEU A 48 0.17 -14.28 -12.87
N GLU A 49 1.43 -14.59 -12.42
CA GLU A 49 1.61 -14.70 -10.96
C GLU A 49 1.33 -13.37 -10.26
N GLU A 50 1.55 -12.24 -10.95
CA GLU A 50 1.26 -10.92 -10.40
C GLU A 50 -0.21 -10.74 -10.07
N ASP A 51 -1.08 -11.55 -10.67
CA ASP A 51 -2.52 -11.46 -10.44
C ASP A 51 -2.99 -12.45 -9.36
N VAL A 52 -2.09 -13.29 -8.84
CA VAL A 52 -2.50 -14.26 -7.82
C VAL A 52 -2.66 -13.57 -6.48
N ILE A 53 -3.72 -13.95 -5.78
CA ILE A 53 -3.95 -13.56 -4.39
C ILE A 53 -3.92 -14.82 -3.55
N TYR A 54 -2.91 -14.94 -2.69
CA TYR A 54 -2.84 -16.09 -1.76
C TYR A 54 -3.64 -15.80 -0.52
N HIS A 55 -4.40 -16.79 -0.07
CA HIS A 55 -5.17 -16.69 1.18
C HIS A 55 -4.49 -17.60 2.18
N VAL A 56 -3.96 -17.02 3.25
CA VAL A 56 -3.12 -17.77 4.19
C VAL A 56 -3.66 -17.65 5.60
N LYS A 57 -3.34 -18.65 6.44
CA LYS A 57 -3.53 -18.55 7.87
C LYS A 57 -2.16 -18.53 8.52
N TYR A 58 -1.90 -17.53 9.34
CA TYR A 58 -0.62 -17.45 10.05
C TYR A 58 -0.63 -18.45 11.20
N ASP A 59 0.41 -19.30 11.28
CA ASP A 59 0.38 -20.38 12.28
C ASP A 59 0.16 -19.86 13.69
N ASP A 60 0.82 -18.77 14.07
CA ASP A 60 0.77 -18.32 15.46
C ASP A 60 -0.23 -17.19 15.69
N TYR A 61 -1.00 -16.80 14.66
CA TYR A 61 -1.96 -15.69 14.76
C TYR A 61 -3.27 -16.08 14.11
N PRO A 62 -3.94 -17.10 14.63
CA PRO A 62 -5.23 -17.48 14.04
C PRO A 62 -6.24 -16.38 14.12
N GLU A 63 -6.11 -15.47 15.09
CA GLU A 63 -7.02 -14.33 15.22
C GLU A 63 -6.91 -13.33 14.07
N ASN A 64 -5.87 -13.42 13.23
CA ASN A 64 -5.77 -12.54 12.09
C ASN A 64 -6.70 -13.00 10.94
N GLY A 65 -7.30 -14.21 11.08
CA GLY A 65 -8.20 -14.73 10.03
C GLY A 65 -7.41 -15.17 8.79
N VAL A 66 -8.15 -15.24 7.68
CA VAL A 66 -7.57 -15.68 6.42
C VAL A 66 -7.05 -14.43 5.70
N VAL A 67 -5.75 -14.23 5.73
CA VAL A 67 -5.14 -12.99 5.25
C VAL A 67 -4.78 -13.13 3.78
N GLN A 68 -5.13 -12.12 2.98
CA GLN A 68 -4.85 -12.13 1.55
C GLN A 68 -3.50 -11.47 1.30
N MET A 69 -2.70 -12.13 0.44
CA MET A 69 -1.35 -11.69 0.17
C MET A 69 -1.09 -11.56 -1.31
N ASN A 70 -0.36 -10.50 -1.67
CA ASN A 70 0.25 -10.45 -2.99
C ASN A 70 1.30 -11.54 -3.08
N SER A 71 1.55 -12.06 -4.30
CA SER A 71 2.53 -13.13 -4.43
CA SER A 71 2.53 -13.11 -4.48
C SER A 71 3.92 -12.72 -3.98
N ARG A 72 4.27 -11.41 -4.02
CA ARG A 72 5.60 -11.05 -3.55
C ARG A 72 5.77 -11.26 -2.04
N ASP A 73 4.69 -11.47 -1.31
CA ASP A 73 4.69 -11.60 0.14
C ASP A 73 4.48 -13.02 0.60
N VAL A 74 4.71 -13.98 -0.29
CA VAL A 74 4.67 -15.39 0.07
C VAL A 74 5.90 -16.04 -0.50
N ARG A 75 6.50 -16.95 0.27
CA ARG A 75 7.56 -17.77 -0.31
C ARG A 75 7.57 -19.11 0.41
N ALA A 76 8.32 -20.07 -0.15
CA ALA A 76 8.40 -21.37 0.51
C ALA A 76 8.99 -21.21 1.92
N ARG A 77 8.53 -22.05 2.86
CA ARG A 77 8.93 -21.91 4.25
C ARG A 77 10.43 -22.12 4.42
N ALA A 78 11.09 -21.21 5.17
CA ALA A 78 12.51 -21.37 5.43
C ALA A 78 12.74 -22.67 6.17
N ARG A 79 13.83 -23.36 5.77
CA ARG A 79 14.10 -24.68 6.32
C ARG A 79 15.57 -24.96 6.55
N THR A 80 16.49 -24.24 5.91
CA THR A 80 17.92 -24.53 6.04
C THR A 80 18.62 -23.41 6.77
N ILE A 81 19.29 -23.74 7.87
CA ILE A 81 20.08 -22.75 8.59
C ILE A 81 21.44 -22.62 7.95
N ILE A 82 21.88 -21.37 7.76
CA ILE A 82 23.25 -21.06 7.37
C ILE A 82 24.01 -20.91 8.67
N LYS A 83 24.83 -21.90 8.99
CA LYS A 83 25.59 -21.92 10.23
C LYS A 83 26.57 -20.73 10.28
N TRP A 84 26.98 -20.42 11.50
CA TRP A 84 27.91 -19.31 11.73
C TRP A 84 29.10 -19.31 10.76
N GLN A 85 29.78 -20.44 10.63
CA GLN A 85 30.98 -20.50 9.82
C GLN A 85 30.74 -20.18 8.36
N ASP A 86 29.50 -20.39 7.90
CA ASP A 86 29.18 -20.15 6.50
CA ASP A 86 29.10 -20.19 6.52
C ASP A 86 28.67 -18.75 6.25
N LEU A 87 28.36 -17.98 7.29
CA LEU A 87 27.83 -16.63 7.05
C LEU A 87 28.93 -15.75 6.49
N GLU A 88 28.54 -14.84 5.58
CA GLU A 88 29.48 -13.94 4.94
C GLU A 88 28.84 -12.58 4.78
N VAL A 89 29.64 -11.53 4.89
CA VAL A 89 29.13 -10.18 4.64
C VAL A 89 28.58 -10.12 3.23
N GLY A 90 27.38 -9.51 3.09
CA GLY A 90 26.71 -9.38 1.80
C GLY A 90 25.58 -10.38 1.61
N GLN A 91 25.57 -11.47 2.34
CA GLN A 91 24.46 -12.42 2.18
C GLN A 91 23.17 -11.80 2.65
N VAL A 92 22.10 -12.07 1.90
CA VAL A 92 20.74 -11.69 2.29
C VAL A 92 20.02 -12.93 2.80
N VAL A 93 19.62 -12.88 4.06
CA VAL A 93 19.17 -14.03 4.83
C VAL A 93 17.94 -13.60 5.63
N MET A 94 17.30 -14.58 6.24
CA MET A 94 16.20 -14.29 7.15
C MET A 94 16.68 -14.56 8.58
N LEU A 95 16.54 -13.59 9.48
CA LEU A 95 17.10 -13.76 10.81
C LEU A 95 16.19 -13.11 11.82
N ASN A 96 16.43 -13.39 13.10
CA ASN A 96 15.52 -12.92 14.14
C ASN A 96 16.09 -11.67 14.82
N TYR A 97 15.27 -10.62 14.90
CA TYR A 97 15.70 -9.35 15.48
C TYR A 97 14.48 -8.67 16.09
N ASN A 98 14.71 -7.96 17.20
CA ASN A 98 13.65 -7.19 17.87
C ASN A 98 14.06 -5.72 17.80
N PRO A 99 13.50 -4.95 16.87
CA PRO A 99 13.91 -3.55 16.72
C PRO A 99 13.63 -2.71 17.96
N ASP A 100 12.54 -3.00 18.68
CA ASP A 100 12.19 -2.20 19.85
C ASP A 100 13.06 -2.53 21.06
N ASN A 101 13.48 -3.79 21.18
CA ASN A 101 14.26 -4.25 22.32
C ASN A 101 15.34 -5.17 21.78
N PRO A 102 16.44 -4.60 21.29
CA PRO A 102 17.36 -5.39 20.44
C PRO A 102 18.10 -6.49 21.18
N LYS A 103 18.10 -6.52 22.51
CA LYS A 103 18.69 -7.66 23.19
C LYS A 103 17.74 -8.87 23.26
N GLU A 104 16.48 -8.71 22.84
CA GLU A 104 15.47 -9.73 23.08
C GLU A 104 15.12 -10.46 21.78
N ARG A 105 14.49 -11.62 21.96
CA ARG A 105 13.85 -12.31 20.85
C ARG A 105 12.84 -11.40 20.17
N GLY A 106 12.85 -11.43 18.84
CA GLY A 106 11.97 -10.59 18.06
C GLY A 106 11.21 -11.34 16.98
N PHE A 107 11.20 -10.77 15.79
CA PHE A 107 10.51 -11.34 14.63
C PHE A 107 11.53 -11.70 13.56
N TRP A 108 11.08 -12.35 12.51
CA TRP A 108 11.93 -12.82 11.42
C TRP A 108 11.93 -11.80 10.30
N TYR A 109 13.08 -11.18 10.07
CA TYR A 109 13.21 -10.19 9.02
C TYR A 109 14.24 -10.61 8.00
N ASP A 110 14.05 -10.16 6.77
CA ASP A 110 15.14 -10.27 5.81
C ASP A 110 16.21 -9.25 6.19
N ALA A 111 17.45 -9.63 5.96
CA ALA A 111 18.56 -8.76 6.39
C ALA A 111 19.79 -9.07 5.56
N GLU A 112 20.61 -8.06 5.39
CA GLU A 112 21.86 -8.20 4.65
C GLU A 112 22.99 -8.19 5.68
N ILE A 113 23.76 -9.28 5.72
CA ILE A 113 24.87 -9.31 6.69
C ILE A 113 25.84 -8.17 6.38
N SER A 114 26.15 -7.39 7.41
CA SER A 114 27.01 -6.20 7.25
C SER A 114 28.35 -6.31 7.93
N ARG A 115 28.46 -7.13 8.97
CA ARG A 115 29.76 -7.29 9.63
C ARG A 115 29.71 -8.64 10.36
N LYS A 116 30.84 -9.33 10.34
CA LYS A 116 30.96 -10.60 11.02
C LYS A 116 32.30 -10.60 11.74
N ARG A 117 32.28 -10.72 13.08
CA ARG A 117 33.50 -10.69 13.85
C ARG A 117 33.63 -11.93 14.70
N GLU A 118 34.83 -12.45 14.78
CA GLU A 118 35.18 -13.51 15.71
C GLU A 118 36.25 -12.96 16.62
N THR A 119 35.92 -12.77 17.90
CA THR A 119 36.95 -12.37 18.84
C THR A 119 37.25 -13.54 19.76
N ARG A 120 38.28 -13.36 20.60
CA ARG A 120 38.63 -14.40 21.55
C ARG A 120 37.45 -14.78 22.44
N THR A 121 36.46 -13.89 22.59
CA THR A 121 35.36 -14.10 23.51
C THR A 121 33.97 -14.15 22.89
N ALA A 122 33.78 -13.70 21.65
CA ALA A 122 32.42 -13.72 21.12
C ALA A 122 32.41 -13.83 19.61
N ARG A 123 31.31 -14.36 19.11
CA ARG A 123 30.93 -14.29 17.72
C ARG A 123 29.90 -13.18 17.59
N GLU A 124 30.22 -12.15 16.81
CA GLU A 124 29.35 -11.00 16.67
C GLU A 124 28.88 -10.89 15.24
N LEU A 125 27.56 -10.77 15.08
CA LEU A 125 26.96 -10.64 13.77
C LEU A 125 26.20 -9.32 13.70
N TYR A 126 26.39 -8.60 12.59
CA TYR A 126 25.67 -7.36 12.35
C TYR A 126 24.99 -7.46 10.99
N ALA A 127 23.81 -6.86 10.88
CA ALA A 127 23.09 -6.94 9.61
C ALA A 127 22.25 -5.70 9.38
N ASN A 128 22.02 -5.39 8.09
CA ASN A 128 21.12 -4.31 7.70
C ASN A 128 19.73 -4.93 7.57
N VAL A 129 18.82 -4.60 8.50
CA VAL A 129 17.56 -5.31 8.63
C VAL A 129 16.49 -4.58 7.84
N VAL A 130 15.78 -5.32 6.99
CA VAL A 130 14.79 -4.75 6.08
C VAL A 130 13.43 -4.65 6.78
N LEU A 131 12.87 -3.44 6.79
CA LEU A 131 11.50 -3.18 7.23
C LEU A 131 10.79 -2.47 6.07
N GLY A 132 10.07 -3.22 5.25
CA GLY A 132 9.31 -2.60 4.19
C GLY A 132 10.20 -2.08 3.09
N ASP A 133 10.07 -0.79 2.78
CA ASP A 133 10.88 -0.15 1.76
C ASP A 133 12.18 0.42 2.30
N ASP A 134 12.49 0.20 3.59
CA ASP A 134 13.68 0.78 4.22
C ASP A 134 14.40 -0.24 5.08
N SER A 135 15.60 0.12 5.53
CA SER A 135 16.42 -0.81 6.29
C SER A 135 17.10 -0.08 7.43
N LEU A 136 17.39 -0.83 8.50
CA LEU A 136 18.15 -0.31 9.63
C LEU A 136 19.56 -0.89 9.55
N ASN A 137 20.55 -0.02 9.39
CA ASN A 137 21.92 -0.49 9.19
C ASN A 137 22.54 -0.98 10.49
N ASP A 138 23.32 -2.05 10.38
CA ASP A 138 24.27 -2.43 11.42
C ASP A 138 23.59 -2.79 12.74
N CYS A 139 22.45 -3.47 12.64
CA CYS A 139 21.84 -4.07 13.81
C CYS A 139 22.72 -5.22 14.33
N ARG A 140 22.91 -5.25 15.64
CA ARG A 140 23.56 -6.41 16.26
C ARG A 140 22.56 -7.55 16.38
N ILE A 141 22.88 -8.68 15.75
CA ILE A 141 21.97 -9.83 15.66
C ILE A 141 22.40 -10.82 16.74
N ILE A 142 21.50 -11.07 17.69
CA ILE A 142 21.78 -11.95 18.84
C ILE A 142 21.82 -13.41 18.41
N PHE A 143 20.89 -13.82 17.52
CA PHE A 143 20.59 -15.22 17.30
C PHE A 143 21.39 -15.74 16.10
N VAL A 144 22.70 -15.82 16.32
CA VAL A 144 23.66 -16.06 15.25
C VAL A 144 23.65 -17.50 14.77
N ASP A 145 23.02 -18.40 15.53
CA ASP A 145 22.95 -19.81 15.17
C ASP A 145 21.63 -20.20 14.56
N GLU A 146 20.77 -19.24 14.25
CA GLU A 146 19.43 -19.47 13.71
C GLU A 146 19.20 -18.55 12.51
N VAL A 147 20.23 -18.37 11.70
CA VAL A 147 20.09 -17.55 10.49
C VAL A 147 19.65 -18.47 9.35
N PHE A 148 18.57 -18.10 8.65
CA PHE A 148 18.00 -18.97 7.63
C PHE A 148 18.34 -18.53 6.22
N LYS A 149 18.57 -19.54 5.37
CA LYS A 149 18.61 -19.31 3.95
C LYS A 149 17.20 -18.99 3.47
N ILE A 150 17.09 -17.99 2.61
CA ILE A 150 15.79 -17.64 2.00
C ILE A 150 15.54 -18.55 0.81
N GLU A 151 14.33 -19.15 0.73
CA GLU A 151 13.98 -19.99 -0.39
C GLU A 151 13.47 -19.06 -1.49
N ARG A 152 14.20 -19.00 -2.56
CA ARG A 152 13.81 -18.12 -3.64
C ARG A 152 13.11 -18.93 -4.73
N PRO A 153 12.03 -18.42 -5.36
CA PRO A 153 11.35 -19.22 -6.39
C PRO A 153 12.20 -19.37 -7.63
N GLY A 154 13.02 -18.37 -7.91
CA GLY A 154 13.79 -18.38 -9.11
C GLY A 154 13.00 -17.66 -10.16
N GLU A 155 13.31 -17.97 -11.40
CA GLU A 155 12.70 -17.26 -12.47
C GLU A 155 12.47 -18.27 -13.57
N ASP B 7 -2.08 39.20 -3.16
CA ASP B 7 -1.72 39.28 -1.73
C ASP B 7 -1.21 37.97 -1.16
N GLU B 8 0.10 37.82 -1.18
CA GLU B 8 0.66 36.52 -0.89
C GLU B 8 0.63 36.24 0.61
N THR B 9 0.43 34.95 0.93
CA THR B 9 0.24 34.57 2.32
C THR B 9 1.03 33.31 2.63
N GLU B 10 1.56 33.24 3.84
CA GLU B 10 2.27 32.04 4.29
C GLU B 10 1.51 31.31 5.37
N LEU B 11 0.20 31.54 5.44
CA LEU B 11 -0.58 31.02 6.55
C LEU B 11 -1.55 29.91 6.16
N GLY B 12 -1.53 29.47 4.91
CA GLY B 12 -2.32 28.31 4.52
C GLY B 12 -1.72 27.00 5.02
N LEU B 13 -2.54 25.94 4.95
CA LEU B 13 -2.05 24.60 5.27
C LEU B 13 -0.95 24.14 4.33
N TYR B 14 -1.07 24.49 3.03
CA TYR B 14 -0.16 24.05 1.99
C TYR B 14 0.70 25.22 1.55
N LYS B 15 1.89 24.90 1.11
CA LYS B 15 2.96 25.86 0.88
C LYS B 15 3.38 25.85 -0.59
N VAL B 16 4.00 26.95 -1.00
CA VAL B 16 4.62 27.02 -2.33
C VAL B 16 5.58 25.88 -2.51
N ASN B 17 5.52 25.25 -3.70
CA ASN B 17 6.27 24.08 -4.14
C ASN B 17 5.73 22.77 -3.59
N GLU B 18 4.74 22.77 -2.71
CA GLU B 18 4.21 21.52 -2.17
C GLU B 18 3.51 20.71 -3.27
N TYR B 19 3.68 19.39 -3.21
CA TYR B 19 2.94 18.48 -4.07
C TYR B 19 1.56 18.22 -3.47
N VAL B 20 0.52 18.48 -4.25
CA VAL B 20 -0.83 18.35 -3.76
C VAL B 20 -1.67 17.59 -4.78
N ASP B 21 -2.89 17.28 -4.37
CA ASP B 21 -3.95 16.93 -5.30
C ASP B 21 -4.89 18.13 -5.38
N ALA B 22 -5.34 18.43 -6.58
CA ALA B 22 -6.19 19.60 -6.79
C ALA B 22 -7.43 19.11 -7.55
N ARG B 23 -8.60 19.63 -7.14
CA ARG B 23 -9.86 19.15 -7.69
C ARG B 23 -10.36 20.12 -8.73
N ASP B 24 -10.54 19.63 -9.93
CA ASP B 24 -11.20 20.40 -10.99
C ASP B 24 -12.67 20.65 -10.66
N THR B 25 -13.14 21.93 -10.71
CA THR B 25 -14.49 22.20 -10.24
CA THR B 25 -14.49 22.19 -10.24
C THR B 25 -15.54 21.56 -11.14
N ASN B 26 -15.36 21.58 -12.45
CA ASN B 26 -16.40 21.04 -13.33
C ASN B 26 -16.47 19.51 -13.26
N MET B 27 -15.32 18.85 -13.30
CA MET B 27 -15.34 17.38 -13.29
C MET B 27 -15.56 16.82 -11.90
N GLY B 28 -15.13 17.52 -10.86
CA GLY B 28 -15.16 16.98 -9.52
C GLY B 28 -14.05 15.98 -9.23
N ALA B 29 -13.15 15.72 -10.17
CA ALA B 29 -12.08 14.77 -9.99
C ALA B 29 -10.78 15.45 -9.54
N TRP B 30 -9.90 14.66 -8.91
CA TRP B 30 -8.63 15.13 -8.34
C TRP B 30 -7.47 14.77 -9.24
N PHE B 31 -6.51 15.71 -9.35
CA PHE B 31 -5.35 15.53 -10.22
C PHE B 31 -4.09 15.99 -9.48
N GLU B 32 -2.98 15.31 -9.75
CA GLU B 32 -1.72 15.73 -9.15
C GLU B 32 -1.32 17.12 -9.62
N ALA B 33 -0.90 17.96 -8.68
CA ALA B 33 -0.52 19.31 -9.01
C ALA B 33 0.56 19.79 -8.04
N GLN B 34 1.09 20.97 -8.32
CA GLN B 34 2.06 21.60 -7.44
C GLN B 34 1.62 23.04 -7.17
N VAL B 35 1.79 23.47 -5.94
CA VAL B 35 1.43 24.86 -5.60
C VAL B 35 2.50 25.80 -6.09
N VAL B 36 2.09 26.84 -6.81
CA VAL B 36 3.01 27.83 -7.35
C VAL B 36 2.95 29.12 -6.52
N ARG B 37 1.78 29.41 -5.95
CA ARG B 37 1.52 30.65 -5.22
C ARG B 37 0.37 30.40 -4.25
N VAL B 38 0.38 31.13 -3.13
CA VAL B 38 -0.70 31.07 -2.16
C VAL B 38 -1.10 32.50 -1.85
N THR B 39 -2.35 32.84 -2.09
CA THR B 39 -2.80 34.21 -1.82
C THR B 39 -3.97 34.18 -0.86
N ARG B 40 -4.25 35.33 -0.25
CA ARG B 40 -5.32 35.41 0.71
C ARG B 40 -6.48 36.18 0.14
N LYS B 41 -7.67 35.64 0.33
CA LYS B 41 -8.92 36.34 0.05
CA LYS B 41 -8.91 36.35 0.05
C LYS B 41 -9.40 36.95 1.36
N ALA B 42 -9.37 38.28 1.44
CA ALA B 42 -9.90 38.98 2.60
C ALA B 42 -11.42 38.77 2.71
N PRO B 43 -11.97 38.70 3.92
CA PRO B 43 -13.45 38.66 4.05
C PRO B 43 -14.06 39.92 3.45
N SER B 44 -14.99 39.73 2.51
CA SER B 44 -15.71 40.88 1.93
C SER B 44 -16.58 41.60 2.94
N ARG B 45 -16.98 40.92 4.00
CA ARG B 45 -17.93 41.41 4.99
C ARG B 45 -17.65 40.71 6.30
N PRO B 46 -17.98 41.32 7.44
CA PRO B 46 -17.75 40.62 8.73
C PRO B 46 -18.43 39.25 8.81
N ALA B 47 -19.61 39.08 8.18
CA ALA B 47 -20.30 37.80 8.20
C ALA B 47 -19.59 36.74 7.37
N LEU B 48 -18.73 37.13 6.42
CA LEU B 48 -18.09 36.16 5.54
C LEU B 48 -16.69 35.86 6.11
N GLU B 49 -15.97 34.99 5.43
CA GLU B 49 -14.72 34.45 5.97
C GLU B 49 -13.53 34.77 5.08
N GLU B 50 -12.34 34.85 5.70
CA GLU B 50 -11.20 34.92 4.82
C GLU B 50 -10.95 33.51 4.27
N ASP B 51 -10.14 33.46 3.27
CA ASP B 51 -9.78 32.17 2.74
C ASP B 51 -8.42 32.29 2.11
N VAL B 52 -7.89 31.15 1.80
CA VAL B 52 -6.62 30.98 1.13
C VAL B 52 -6.94 30.47 -0.27
N ILE B 53 -6.32 31.07 -1.28
CA ILE B 53 -6.41 30.64 -2.67
C ILE B 53 -5.08 30.03 -3.06
N TYR B 54 -5.13 28.80 -3.54
CA TYR B 54 -3.97 28.10 -4.07
C TYR B 54 -3.91 28.25 -5.59
N HIS B 55 -2.77 28.73 -6.06
CA HIS B 55 -2.50 28.81 -7.50
C HIS B 55 -1.65 27.60 -7.83
N VAL B 56 -2.19 26.69 -8.65
CA VAL B 56 -1.52 25.42 -8.89
C VAL B 56 -1.26 25.21 -10.36
N LYS B 57 -0.28 24.34 -10.63
CA LYS B 57 -0.01 23.83 -11.97
C LYS B 57 -0.21 22.33 -11.93
N TYR B 58 -1.06 21.82 -12.81
CA TYR B 58 -1.29 20.37 -12.87
C TYR B 58 -0.09 19.68 -13.49
N ASP B 59 0.38 18.61 -12.84
CA ASP B 59 1.60 17.94 -13.31
C ASP B 59 1.45 17.46 -14.76
N ASP B 60 0.30 16.89 -15.10
CA ASP B 60 0.10 16.24 -16.39
C ASP B 60 -0.63 17.13 -17.39
N TYR B 61 -0.98 18.35 -16.97
CA TYR B 61 -1.73 19.28 -17.83
C TYR B 61 -1.13 20.68 -17.75
N PRO B 62 0.14 20.84 -18.12
CA PRO B 62 0.77 22.17 -18.08
C PRO B 62 0.08 23.16 -18.99
N GLU B 63 -0.59 22.68 -20.04
CA GLU B 63 -1.33 23.57 -20.96
C GLU B 63 -2.45 24.31 -20.26
N ASN B 64 -2.91 23.83 -19.09
CA ASN B 64 -3.94 24.58 -18.36
C ASN B 64 -3.38 25.84 -17.70
N GLY B 65 -2.04 25.99 -17.63
CA GLY B 65 -1.46 27.14 -16.99
C GLY B 65 -1.58 27.07 -15.48
N VAL B 66 -1.48 28.24 -14.85
CA VAL B 66 -1.64 28.37 -13.41
C VAL B 66 -3.12 28.57 -13.13
N VAL B 67 -3.70 27.69 -12.29
CA VAL B 67 -5.12 27.66 -12.01
C VAL B 67 -5.36 28.03 -10.55
N GLN B 68 -6.31 28.94 -10.30
CA GLN B 68 -6.62 29.31 -8.93
C GLN B 68 -7.65 28.34 -8.36
N MET B 69 -7.42 27.87 -7.15
CA MET B 69 -8.24 26.83 -6.54
C MET B 69 -8.76 27.34 -5.20
N ASN B 70 -10.01 27.03 -4.87
CA ASN B 70 -10.24 27.42 -3.48
C ASN B 70 -9.68 26.35 -2.55
N SER B 71 -9.59 26.70 -1.26
CA SER B 71 -8.82 25.89 -0.32
C SER B 71 -9.46 24.52 -0.11
N ARG B 72 -10.75 24.36 -0.39
CA ARG B 72 -11.43 23.06 -0.29
C ARG B 72 -11.06 22.10 -1.42
N ASP B 73 -10.47 22.64 -2.50
CA ASP B 73 -10.16 21.88 -3.69
C ASP B 73 -8.68 21.58 -3.79
N VAL B 74 -7.95 21.70 -2.68
CA VAL B 74 -6.53 21.33 -2.63
C VAL B 74 -6.26 20.55 -1.34
N ARG B 75 -5.49 19.47 -1.44
CA ARG B 75 -5.10 18.75 -0.22
C ARG B 75 -3.77 18.05 -0.48
N ALA B 76 -3.17 17.51 0.59
CA ALA B 76 -1.90 16.81 0.43
C ALA B 76 -2.06 15.63 -0.53
N ARG B 77 -1.04 15.40 -1.35
CA ARG B 77 -1.14 14.36 -2.35
C ARG B 77 -1.38 12.97 -1.75
N ALA B 78 -2.35 12.23 -2.33
CA ALA B 78 -2.66 10.91 -1.78
C ALA B 78 -1.44 10.01 -1.94
N ARG B 79 -1.22 9.15 -0.95
CA ARG B 79 0.00 8.32 -0.98
C ARG B 79 -0.21 6.94 -0.35
N THR B 80 -1.24 6.74 0.46
CA THR B 80 -1.42 5.47 1.17
C THR B 80 -2.64 4.76 0.62
N ILE B 81 -2.42 3.52 0.16
CA ILE B 81 -3.53 2.70 -0.32
C ILE B 81 -4.14 1.97 0.88
N ILE B 82 -5.46 1.88 0.90
CA ILE B 82 -6.17 1.01 1.82
C ILE B 82 -6.40 -0.29 1.07
N LYS B 83 -5.74 -1.37 1.49
CA LYS B 83 -5.84 -2.62 0.76
C LYS B 83 -7.23 -3.22 0.88
N TRP B 84 -7.55 -4.08 -0.07
CA TRP B 84 -8.89 -4.67 -0.15
C TRP B 84 -9.44 -5.11 1.19
N GLN B 85 -8.72 -5.94 1.93
CA GLN B 85 -9.29 -6.48 3.16
C GLN B 85 -9.55 -5.42 4.20
N ASP B 86 -8.86 -4.26 4.10
CA ASP B 86 -9.10 -3.20 5.10
C ASP B 86 -10.21 -2.24 4.67
N LEU B 87 -10.76 -2.36 3.47
CA LEU B 87 -11.86 -1.48 3.06
C LEU B 87 -13.13 -1.84 3.82
N GLU B 88 -13.96 -0.83 4.17
CA GLU B 88 -15.15 -1.06 4.95
C GLU B 88 -16.25 -0.11 4.49
N VAL B 89 -17.49 -0.61 4.55
CA VAL B 89 -18.66 0.22 4.26
C VAL B 89 -18.61 1.44 5.17
N GLY B 90 -18.81 2.61 4.58
CA GLY B 90 -18.84 3.84 5.36
C GLY B 90 -17.58 4.67 5.21
N GLN B 91 -16.48 4.06 4.76
CA GLN B 91 -15.26 4.83 4.58
C GLN B 91 -15.39 5.78 3.40
N VAL B 92 -14.84 6.97 3.56
CA VAL B 92 -14.75 7.97 2.49
C VAL B 92 -13.32 7.97 2.00
N VAL B 93 -13.14 7.67 0.72
CA VAL B 93 -11.86 7.33 0.14
C VAL B 93 -11.75 8.00 -1.22
N MET B 94 -10.57 7.98 -1.80
CA MET B 94 -10.39 8.47 -3.16
C MET B 94 -10.09 7.29 -4.07
N LEU B 95 -10.90 7.09 -5.08
CA LEU B 95 -10.79 5.88 -5.90
C LEU B 95 -10.94 6.22 -7.37
N ASN B 96 -10.60 5.28 -8.24
CA ASN B 96 -10.60 5.53 -9.66
C ASN B 96 -11.87 4.95 -10.28
N TYR B 97 -12.61 5.78 -11.01
CA TYR B 97 -13.89 5.37 -11.57
C TYR B 97 -14.12 6.17 -12.86
N ASN B 98 -14.79 5.54 -13.82
CA ASN B 98 -15.13 6.20 -15.08
C ASN B 98 -16.65 6.26 -15.22
N PRO B 99 -17.30 7.37 -14.92
CA PRO B 99 -18.77 7.42 -15.02
C PRO B 99 -19.34 7.09 -16.39
N ASP B 100 -18.63 7.43 -17.46
CA ASP B 100 -19.19 7.23 -18.79
C ASP B 100 -19.02 5.79 -19.26
N ASN B 101 -17.92 5.16 -18.87
CA ASN B 101 -17.57 3.81 -19.32
C ASN B 101 -17.12 3.06 -18.09
N PRO B 102 -18.09 2.56 -17.30
CA PRO B 102 -17.79 2.18 -15.92
C PRO B 102 -16.89 0.98 -15.73
N LYS B 103 -16.63 0.18 -16.75
CA LYS B 103 -15.64 -0.86 -16.57
C LYS B 103 -14.22 -0.42 -16.88
N GLU B 104 -14.01 0.81 -17.33
CA GLU B 104 -12.73 1.30 -17.82
C GLU B 104 -12.03 2.17 -16.76
N ARG B 105 -10.73 2.38 -16.97
CA ARG B 105 -10.02 3.36 -16.18
C ARG B 105 -10.67 4.73 -16.36
N GLY B 106 -10.78 5.47 -15.24
CA GLY B 106 -11.37 6.80 -15.27
C GLY B 106 -10.52 7.78 -14.51
N PHE B 107 -11.14 8.52 -13.62
CA PHE B 107 -10.54 9.63 -12.89
C PHE B 107 -10.67 9.37 -11.40
N TRP B 108 -10.02 10.19 -10.61
CA TRP B 108 -9.95 9.99 -9.16
C TRP B 108 -11.02 10.83 -8.48
N TYR B 109 -11.96 10.14 -7.82
CA TYR B 109 -13.09 10.80 -7.16
C TYR B 109 -13.21 10.36 -5.72
N ASP B 110 -13.66 11.29 -4.86
CA ASP B 110 -14.01 10.89 -3.50
C ASP B 110 -15.31 10.10 -3.52
N ALA B 111 -15.35 9.06 -2.70
CA ALA B 111 -16.54 8.22 -2.68
C ALA B 111 -16.71 7.63 -1.30
N GLU B 112 -17.95 7.31 -1.00
CA GLU B 112 -18.29 6.63 0.26
C GLU B 112 -18.60 5.17 -0.07
N ILE B 113 -17.85 4.24 0.51
CA ILE B 113 -18.11 2.82 0.26
CA ILE B 113 -18.12 2.83 0.24
C ILE B 113 -19.49 2.46 0.78
N SER B 114 -20.32 1.84 -0.08
CA SER B 114 -21.71 1.56 0.25
C SER B 114 -22.02 0.08 0.37
N ARG B 115 -21.22 -0.80 -0.26
CA ARG B 115 -21.48 -2.25 -0.19
C ARG B 115 -20.16 -2.92 -0.52
N LYS B 116 -19.90 -4.03 0.17
CA LYS B 116 -18.67 -4.76 -0.03
C LYS B 116 -18.93 -6.23 0.22
N ARG B 117 -18.52 -7.07 -0.73
CA ARG B 117 -18.67 -8.47 -0.47
C ARG B 117 -17.69 -9.17 -1.36
N GLU B 118 -17.31 -10.36 -0.92
CA GLU B 118 -16.56 -11.28 -1.73
C GLU B 118 -17.48 -12.40 -2.16
N THR B 119 -17.43 -12.72 -3.45
CA THR B 119 -18.17 -13.88 -3.98
C THR B 119 -17.19 -14.80 -4.68
N ARG B 120 -17.71 -15.91 -5.20
CA ARG B 120 -16.88 -16.84 -5.96
C ARG B 120 -16.27 -16.18 -7.19
N THR B 121 -16.91 -15.16 -7.72
CA THR B 121 -16.46 -14.54 -8.97
C THR B 121 -15.86 -13.15 -8.82
N ALA B 122 -15.99 -12.49 -7.65
CA ALA B 122 -15.55 -11.12 -7.59
C ALA B 122 -15.26 -10.62 -6.18
N ARG B 123 -14.38 -9.64 -6.12
CA ARG B 123 -14.27 -8.72 -4.99
C ARG B 123 -15.17 -7.55 -5.33
N GLU B 124 -16.41 -7.57 -4.82
CA GLU B 124 -17.44 -6.59 -5.18
C GLU B 124 -17.34 -5.39 -4.26
N LEU B 125 -17.08 -4.24 -4.83
CA LEU B 125 -17.04 -2.97 -4.07
C LEU B 125 -18.00 -2.00 -4.74
N TYR B 126 -18.93 -1.46 -3.97
CA TYR B 126 -19.82 -0.42 -4.49
C TYR B 126 -19.56 0.85 -3.69
N ALA B 127 -19.62 2.01 -4.36
CA ALA B 127 -19.40 3.24 -3.62
C ALA B 127 -20.22 4.36 -4.23
N ASN B 128 -20.62 5.31 -3.38
CA ASN B 128 -21.39 6.48 -3.80
C ASN B 128 -20.38 7.55 -4.16
N VAL B 129 -20.34 7.94 -5.43
CA VAL B 129 -19.44 8.99 -5.90
C VAL B 129 -20.19 10.31 -5.71
N VAL B 130 -19.71 11.12 -4.80
CA VAL B 130 -20.46 12.28 -4.33
C VAL B 130 -19.98 13.52 -5.07
N LEU B 131 -20.87 14.09 -5.90
CA LEU B 131 -20.59 15.26 -6.73
C LEU B 131 -21.75 16.21 -6.48
N GLY B 132 -22.44 16.67 -7.52
CA GLY B 132 -23.63 17.49 -7.33
C GLY B 132 -24.86 16.72 -7.79
N ASP B 133 -25.61 17.26 -8.76
CA ASP B 133 -26.72 16.49 -9.29
C ASP B 133 -26.25 15.31 -10.11
N ASP B 134 -24.99 15.32 -10.51
CA ASP B 134 -24.33 14.22 -11.18
C ASP B 134 -23.75 13.16 -10.23
N SER B 135 -24.10 13.19 -8.95
CA SER B 135 -23.67 12.15 -8.03
C SER B 135 -24.19 10.79 -8.51
N LEU B 136 -23.43 9.78 -8.16
CA LEU B 136 -23.69 8.42 -8.64
C LEU B 136 -23.72 7.49 -7.46
N ASN B 137 -24.86 6.83 -7.26
CA ASN B 137 -24.99 5.85 -6.18
C ASN B 137 -24.55 4.48 -6.60
N ASP B 138 -23.91 3.79 -5.67
CA ASP B 138 -23.62 2.33 -5.84
C ASP B 138 -22.86 2.06 -7.13
N CYS B 139 -21.83 2.86 -7.36
CA CYS B 139 -20.98 2.60 -8.50
C CYS B 139 -20.19 1.34 -8.22
N ARG B 140 -20.07 0.44 -9.21
CA ARG B 140 -19.27 -0.76 -9.04
C ARG B 140 -17.81 -0.42 -9.30
N ILE B 141 -16.93 -0.57 -8.31
CA ILE B 141 -15.55 -0.09 -8.40
C ILE B 141 -14.68 -1.22 -8.96
N ILE B 142 -14.00 -0.95 -10.08
CA ILE B 142 -13.14 -1.99 -10.66
C ILE B 142 -11.82 -2.05 -9.94
N PHE B 143 -11.24 -0.86 -9.68
CA PHE B 143 -9.83 -0.75 -9.26
C PHE B 143 -9.72 -0.87 -7.74
N VAL B 144 -10.06 -2.09 -7.27
CA VAL B 144 -10.21 -2.30 -5.84
C VAL B 144 -8.88 -2.40 -5.11
N ASP B 145 -7.74 -2.43 -5.81
CA ASP B 145 -6.42 -2.48 -5.21
C ASP B 145 -5.74 -1.13 -5.17
N GLU B 146 -6.45 -0.08 -5.62
CA GLU B 146 -5.85 1.26 -5.74
C GLU B 146 -6.77 2.27 -5.09
N VAL B 147 -7.38 1.90 -3.98
CA VAL B 147 -8.24 2.82 -3.23
C VAL B 147 -7.37 3.57 -2.23
N PHE B 148 -7.36 4.90 -2.31
CA PHE B 148 -6.49 5.72 -1.48
C PHE B 148 -7.18 6.30 -0.25
N LYS B 149 -6.45 6.29 0.85
CA LYS B 149 -6.81 7.11 2.01
C LYS B 149 -6.71 8.58 1.61
N ILE B 150 -7.70 9.36 2.03
CA ILE B 150 -7.64 10.82 1.84
C ILE B 150 -6.79 11.43 2.94
N GLU B 151 -5.81 12.26 2.58
CA GLU B 151 -5.00 12.93 3.58
C GLU B 151 -5.79 14.07 4.19
N ARG B 152 -5.84 14.13 5.52
CA ARG B 152 -6.59 15.18 6.18
C ARG B 152 -5.66 15.90 7.14
N PRO B 153 -5.63 17.23 7.13
CA PRO B 153 -4.76 17.96 8.07
C PRO B 153 -5.03 17.58 9.52
N GLY B 154 -3.94 17.47 10.28
CA GLY B 154 -4.03 16.99 11.65
C GLY B 154 -4.31 15.52 11.77
N GLU B 155 -3.85 14.71 10.82
CA GLU B 155 -4.10 13.27 10.82
C GLU B 155 -3.07 12.57 9.94
#